data_3UZV
#
_entry.id   3UZV
#
_cell.length_a   60.460
_cell.length_b   60.460
_cell.length_c   207.460
_cell.angle_alpha   90.000
_cell.angle_beta   90.000
_cell.angle_gamma   90.000
#
_symmetry.space_group_name_H-M   'P 41 21 2'
#
loop_
_entity.id
_entity.type
_entity.pdbx_description
1 polymer 'envelope protein'
2 polymer 'anti-dengue Mab 4E11'
3 non-polymer ETHANOL
4 water water
#
loop_
_entity_poly.entity_id
_entity_poly.type
_entity_poly.pdbx_seq_one_letter_code
_entity_poly.pdbx_strand_id
1 'polypeptide(L)'
;MGMSYSMCTGKFKIVKEIAETQHGTIVIRVQYEGDGSPCKIPFEIMDLEKRHVLGRLITVNPIVTEKDSPVNIEAEPPFG
DSYIIIGVEPGQLKLNWFKKGSSIGQLEHHHHHH
;
A
2 'polypeptide(L)'
;EVKLLEQSGAELVKPGASVRLSCTASGFNIKDTYMSWVKQRPEQGLEWIGRIDPANGDTKYDPKFQGKATITADTSSNTA
YLHLSSLTSGDTAVYYCSRGWEGFAYWGQGTLVTVSAGGGGSGGGGSGGGGSELVMTQTPASLAVSLGQRATISCRASEN
VDRYGNSFMHWYQQKAGQPPKLLIYRASNLESGIPARFSGSGSRTDFTLTINPVEADDVATYFCQRSNEVPWTFGGGTKL
EIKRPLEHHHHHH
;
B
#
# COMPACT_ATOMS: atom_id res chain seq x y z
N MET A 1 -0.12 -8.20 36.92
CA MET A 1 1.02 -7.30 36.73
C MET A 1 0.56 -5.91 36.29
N GLY A 2 1.15 -4.88 36.90
CA GLY A 2 0.89 -3.47 36.63
C GLY A 2 1.03 -3.08 35.18
N MET A 3 -0.11 -3.06 34.46
CA MET A 3 -0.21 -2.73 33.05
C MET A 3 -0.05 -1.21 32.85
N SER A 4 1.11 -0.79 32.32
CA SER A 4 1.39 0.62 32.07
C SER A 4 2.17 0.81 30.76
N TYR A 5 1.52 1.47 29.80
CA TYR A 5 2.10 1.79 28.51
C TYR A 5 2.09 3.30 28.33
N SER A 6 3.16 3.84 27.72
CA SER A 6 3.26 5.26 27.42
C SER A 6 2.42 5.53 26.15
N MET A 7 2.01 6.79 25.93
CA MET A 7 1.23 7.14 24.73
C MET A 7 2.16 7.07 23.53
N CYS A 8 1.75 6.35 22.46
CA CYS A 8 2.53 6.19 21.23
C CYS A 8 2.96 7.56 20.70
N THR A 9 4.24 7.68 20.32
CA THR A 9 4.81 8.94 19.82
C THR A 9 4.78 9.05 18.29
N GLY A 10 4.96 7.92 17.63
CA GLY A 10 5.03 7.82 16.17
C GLY A 10 3.72 7.88 15.41
N LYS A 11 3.79 7.52 14.12
CA LYS A 11 2.69 7.53 13.17
C LYS A 11 1.95 6.19 13.10
N PHE A 12 0.68 6.27 12.68
CA PHE A 12 -0.20 5.11 12.50
C PHE A 12 -0.70 5.06 11.06
N LYS A 13 -1.00 3.85 10.58
CA LYS A 13 -1.53 3.61 9.23
C LYS A 13 -2.88 2.95 9.35
N ILE A 14 -3.81 3.29 8.44
CA ILE A 14 -5.10 2.62 8.35
C ILE A 14 -4.85 1.38 7.46
N VAL A 15 -5.27 0.22 7.95
CA VAL A 15 -4.99 -1.09 7.36
C VAL A 15 -6.03 -1.60 6.35
N LYS A 16 -7.31 -1.41 6.67
CA LYS A 16 -8.44 -1.80 5.82
C LYS A 16 -9.48 -0.68 5.87
N GLU A 17 -10.47 -0.72 4.97
CA GLU A 17 -11.57 0.26 4.95
C GLU A 17 -12.29 0.22 6.30
N ILE A 18 -12.75 1.37 6.81
CA ILE A 18 -13.50 1.46 8.07
C ILE A 18 -14.81 0.67 7.87
N ALA A 19 -15.03 -0.34 8.73
CA ALA A 19 -16.21 -1.20 8.63
C ALA A 19 -17.27 -0.81 9.67
N GLU A 20 -18.53 -0.67 9.21
CA GLU A 20 -19.66 -0.34 10.06
C GLU A 20 -20.27 -1.63 10.60
N THR A 21 -20.68 -1.62 11.88
CA THR A 21 -21.32 -2.77 12.51
C THR A 21 -22.85 -2.58 12.43
N GLN A 22 -23.62 -3.61 12.83
CA GLN A 22 -25.08 -3.54 12.82
C GLN A 22 -25.62 -2.78 14.04
N HIS A 23 -24.76 -2.58 15.07
CA HIS A 23 -25.12 -1.86 16.30
C HIS A 23 -24.64 -0.40 16.35
N GLY A 24 -24.63 0.24 15.17
CA GLY A 24 -24.27 1.64 14.98
C GLY A 24 -22.87 2.05 15.39
N THR A 25 -21.90 1.12 15.29
CA THR A 25 -20.50 1.40 15.65
C THR A 25 -19.57 1.14 14.44
N ILE A 26 -18.30 1.55 14.56
CA ILE A 26 -17.30 1.37 13.50
C ILE A 26 -16.05 0.65 14.01
N VAL A 27 -15.40 -0.10 13.11
CA VAL A 27 -14.17 -0.82 13.42
C VAL A 27 -13.05 -0.22 12.55
N ILE A 28 -12.08 0.43 13.18
CA ILE A 28 -10.93 1.01 12.49
C ILE A 28 -9.72 0.12 12.79
N ARG A 29 -9.18 -0.53 11.74
CA ARG A 29 -8.02 -1.39 11.88
C ARG A 29 -6.77 -0.57 11.53
N VAL A 30 -5.86 -0.42 12.51
CA VAL A 30 -4.64 0.36 12.36
C VAL A 30 -3.39 -0.43 12.72
N GLN A 31 -2.22 0.04 12.25
CA GLN A 31 -0.90 -0.51 12.58
C GLN A 31 0.05 0.64 12.94
N TYR A 32 1.01 0.38 13.84
CA TYR A 32 1.97 1.39 14.29
C TYR A 32 3.25 1.37 13.48
N GLU A 33 3.71 2.57 13.07
CA GLU A 33 4.91 2.78 12.26
C GLU A 33 6.11 3.32 13.06
N GLY A 34 5.86 3.83 14.26
CA GLY A 34 6.88 4.42 15.10
C GLY A 34 7.65 3.48 16.01
N ASP A 35 8.23 4.05 17.08
CA ASP A 35 9.03 3.35 18.09
C ASP A 35 8.36 3.40 19.46
N GLY A 36 8.86 2.59 20.39
CA GLY A 36 8.36 2.52 21.76
C GLY A 36 7.19 1.57 21.97
N SER A 37 6.89 0.73 20.95
CA SER A 37 5.81 -0.25 21.03
C SER A 37 6.26 -1.48 21.85
N PRO A 38 5.43 -2.07 22.74
CA PRO A 38 4.02 -1.77 23.04
C PRO A 38 3.74 -0.42 23.71
N CYS A 39 2.77 0.32 23.15
CA CYS A 39 2.34 1.64 23.62
C CYS A 39 0.83 1.84 23.47
N LYS A 40 0.25 2.79 24.22
CA LYS A 40 -1.18 3.10 24.18
C LYS A 40 -1.48 3.99 22.98
N ILE A 41 -2.48 3.59 22.16
CA ILE A 41 -2.87 4.33 20.96
C ILE A 41 -3.65 5.61 21.33
N PRO A 42 -3.13 6.82 20.98
CA PRO A 42 -3.91 8.04 21.23
C PRO A 42 -5.10 8.06 20.27
N PHE A 43 -6.33 8.08 20.82
CA PHE A 43 -7.56 8.01 20.03
C PHE A 43 -8.62 8.97 20.54
N GLU A 44 -9.21 9.76 19.61
CA GLU A 44 -10.28 10.73 19.88
C GLU A 44 -11.16 10.94 18.65
N ILE A 45 -12.49 11.00 18.86
CA ILE A 45 -13.47 11.29 17.80
C ILE A 45 -13.94 12.71 18.08
N MET A 46 -13.51 13.66 17.23
CA MET A 46 -13.78 15.10 17.40
C MET A 46 -14.38 15.77 16.15
N ASP A 47 -14.56 17.10 16.20
CA ASP A 47 -15.05 17.93 15.09
C ASP A 47 -13.85 18.50 14.29
N LEU A 48 -14.12 19.23 13.19
CA LEU A 48 -13.11 19.85 12.33
C LEU A 48 -12.28 20.89 13.11
N HIS A 52 -13.59 19.64 20.63
CA HIS A 52 -14.80 19.09 21.19
C HIS A 52 -14.94 17.59 20.88
N VAL A 53 -14.99 16.75 21.93
CA VAL A 53 -15.13 15.30 21.83
C VAL A 53 -16.57 14.97 21.45
N LEU A 54 -16.76 14.22 20.35
CA LEU A 54 -18.08 13.87 19.84
C LEU A 54 -18.45 12.39 19.94
N GLY A 55 -17.46 11.51 19.76
CA GLY A 55 -17.67 10.07 19.82
C GLY A 55 -16.99 9.39 20.98
N ARG A 56 -17.33 8.11 21.18
CA ARG A 56 -16.77 7.30 22.27
C ARG A 56 -16.05 6.05 21.78
N LEU A 57 -15.16 5.54 22.63
CA LEU A 57 -14.32 4.37 22.40
C LEU A 57 -14.98 3.14 23.05
N ILE A 58 -15.09 2.02 22.29
CA ILE A 58 -15.64 0.75 22.79
C ILE A 58 -14.50 -0.13 23.31
N THR A 59 -13.43 -0.29 22.50
CA THR A 59 -12.22 -1.04 22.86
C THR A 59 -11.58 -0.28 24.03
N VAL A 60 -11.75 -0.80 25.27
CA VAL A 60 -11.30 -0.19 26.53
C VAL A 60 -9.90 0.46 26.49
N ASN A 61 -8.84 -0.36 26.38
CA ASN A 61 -7.47 0.17 26.33
C ASN A 61 -6.80 -0.25 25.01
N PRO A 62 -6.96 0.55 23.93
CA PRO A 62 -6.36 0.17 22.65
C PRO A 62 -4.83 0.29 22.67
N ILE A 63 -4.16 -0.85 22.52
CA ILE A 63 -2.70 -0.92 22.52
C ILE A 63 -2.15 -1.69 21.33
N VAL A 64 -0.96 -1.29 20.86
CA VAL A 64 -0.23 -1.93 19.78
C VAL A 64 0.83 -2.80 20.45
N THR A 65 0.97 -4.07 20.02
CA THR A 65 1.96 -5.00 20.57
C THR A 65 3.32 -4.80 19.90
N GLU A 66 3.33 -4.65 18.55
CA GLU A 66 4.54 -4.49 17.75
C GLU A 66 4.25 -3.82 16.39
N LYS A 67 5.31 -3.47 15.64
CA LYS A 67 5.23 -2.90 14.30
C LYS A 67 4.70 -3.99 13.35
N ASP A 68 3.98 -3.57 12.28
CA ASP A 68 3.39 -4.45 11.26
C ASP A 68 2.44 -5.52 11.87
N SER A 69 1.71 -5.11 12.92
CA SER A 69 0.75 -5.95 13.63
C SER A 69 -0.54 -5.15 13.84
N PRO A 70 -1.49 -5.23 12.88
CA PRO A 70 -2.73 -4.47 12.98
C PRO A 70 -3.59 -4.73 14.22
N VAL A 71 -4.22 -3.66 14.72
CA VAL A 71 -5.07 -3.64 15.92
C VAL A 71 -6.45 -3.12 15.53
N ASN A 72 -7.51 -3.84 15.93
CA ASN A 72 -8.90 -3.44 15.68
C ASN A 72 -9.37 -2.51 16.78
N ILE A 73 -9.79 -1.30 16.39
CA ILE A 73 -10.32 -0.31 17.33
C ILE A 73 -11.81 -0.14 17.06
N GLU A 74 -12.66 -0.58 18.02
CA GLU A 74 -14.10 -0.38 17.88
C GLU A 74 -14.47 0.91 18.59
N ALA A 75 -15.21 1.77 17.89
CA ALA A 75 -15.62 3.06 18.40
C ALA A 75 -17.02 3.43 17.89
N GLU A 76 -17.76 4.19 18.70
CA GLU A 76 -19.09 4.64 18.32
C GLU A 76 -19.00 6.11 17.92
N PRO A 77 -19.04 6.41 16.59
CA PRO A 77 -19.00 7.82 16.19
C PRO A 77 -20.39 8.45 16.36
N PRO A 78 -20.52 9.79 16.48
CA PRO A 78 -21.87 10.37 16.57
C PRO A 78 -22.54 10.34 15.20
N PHE A 79 -23.86 10.59 15.15
CA PHE A 79 -24.58 10.66 13.88
C PHE A 79 -24.10 11.92 13.16
N GLY A 80 -23.95 11.82 11.84
CA GLY A 80 -23.46 12.92 11.03
C GLY A 80 -21.95 12.98 10.98
N ASP A 81 -21.41 14.20 10.84
CA ASP A 81 -19.98 14.48 10.70
C ASP A 81 -19.16 14.30 11.97
N SER A 82 -17.94 13.74 11.81
CA SER A 82 -16.93 13.54 12.87
C SER A 82 -15.56 13.24 12.28
N TYR A 83 -14.51 13.45 13.08
CA TYR A 83 -13.12 13.24 12.70
C TYR A 83 -12.44 12.31 13.68
N ILE A 84 -11.98 11.14 13.18
CA ILE A 84 -11.29 10.12 13.96
C ILE A 84 -9.80 10.49 13.99
N ILE A 85 -9.31 10.91 15.16
CA ILE A 85 -7.92 11.32 15.35
C ILE A 85 -7.11 10.20 16.02
N ILE A 86 -6.20 9.56 15.26
CA ILE A 86 -5.35 8.47 15.72
C ILE A 86 -3.89 8.94 15.77
N GLY A 87 -3.31 8.84 16.96
CA GLY A 87 -1.93 9.24 17.20
C GLY A 87 -1.76 10.74 17.43
N VAL A 88 -0.53 11.15 17.73
CA VAL A 88 -0.14 12.55 17.98
C VAL A 88 0.67 13.11 16.80
N GLU A 89 0.87 14.44 16.76
CA GLU A 89 1.66 15.09 15.72
C GLU A 89 3.17 14.80 15.93
N PRO A 90 4.02 14.72 14.88
CA PRO A 90 3.78 14.99 13.45
C PRO A 90 3.07 13.88 12.67
N GLY A 91 2.37 14.28 11.62
CA GLY A 91 1.65 13.40 10.70
C GLY A 91 0.60 12.51 11.33
N GLN A 92 -0.19 13.05 12.29
CA GLN A 92 -1.26 12.30 12.95
C GLN A 92 -2.37 11.93 11.95
N LEU A 93 -2.96 10.75 12.13
CA LEU A 93 -4.02 10.27 11.26
C LEU A 93 -5.36 10.90 11.65
N LYS A 94 -5.97 11.63 10.69
CA LYS A 94 -7.25 12.31 10.84
C LYS A 94 -8.18 11.76 9.76
N LEU A 95 -9.16 10.95 10.19
CA LEU A 95 -10.11 10.30 9.28
C LEU A 95 -11.49 10.94 9.35
N ASN A 96 -11.96 11.50 8.22
CA ASN A 96 -13.29 12.09 8.18
C ASN A 96 -14.32 10.99 8.09
N TRP A 97 -15.30 11.02 9.00
CA TRP A 97 -16.36 10.04 9.01
C TRP A 97 -17.72 10.68 9.03
N PHE A 98 -18.69 10.07 8.33
CA PHE A 98 -20.08 10.50 8.31
C PHE A 98 -20.96 9.28 8.54
N LYS A 99 -21.69 9.29 9.67
CA LYS A 99 -22.60 8.23 10.08
C LYS A 99 -24.00 8.64 9.67
N LYS A 100 -24.60 7.89 8.73
CA LYS A 100 -25.94 8.15 8.19
C LYS A 100 -27.05 7.49 9.03
N VAL B 2 10.17 -12.93 12.06
CA VAL B 2 10.73 -12.29 10.86
C VAL B 2 9.64 -12.13 9.80
N LYS B 3 9.25 -10.86 9.54
CA LYS B 3 8.21 -10.49 8.57
C LYS B 3 8.70 -10.61 7.13
N LEU B 4 8.08 -11.53 6.34
CA LEU B 4 8.46 -11.83 4.96
C LEU B 4 7.32 -12.42 4.12
N LEU B 5 7.32 -12.11 2.80
CA LEU B 5 6.42 -12.66 1.80
C LEU B 5 7.25 -13.51 0.84
N GLU B 6 7.03 -14.84 0.84
CA GLU B 6 7.78 -15.75 -0.02
C GLU B 6 6.93 -16.34 -1.15
N GLN B 7 7.32 -16.04 -2.38
CA GLN B 7 6.64 -16.50 -3.59
C GLN B 7 7.21 -17.80 -4.12
N SER B 8 6.39 -18.56 -4.89
CA SER B 8 6.80 -19.81 -5.53
C SER B 8 7.77 -19.52 -6.69
N GLY B 9 8.56 -20.52 -7.06
CA GLY B 9 9.58 -20.42 -8.10
C GLY B 9 9.09 -20.11 -9.50
N ALA B 10 10.06 -19.84 -10.40
CA ALA B 10 9.86 -19.51 -11.82
C ALA B 10 9.01 -20.56 -12.56
N GLU B 11 8.17 -20.09 -13.50
CA GLU B 11 7.27 -20.95 -14.25
C GLU B 11 7.52 -20.88 -15.76
N LEU B 12 7.60 -22.06 -16.40
CA LEU B 12 7.73 -22.20 -17.85
C LEU B 12 6.41 -22.80 -18.30
N VAL B 13 5.59 -21.96 -18.95
CA VAL B 13 4.24 -22.32 -19.39
C VAL B 13 4.17 -22.31 -20.92
N LYS B 14 3.51 -23.31 -21.50
CA LYS B 14 3.31 -23.37 -22.95
C LYS B 14 2.15 -22.41 -23.33
N PRO B 15 2.12 -21.80 -24.55
CA PRO B 15 1.02 -20.88 -24.87
C PRO B 15 -0.34 -21.57 -24.88
N GLY B 16 -1.31 -20.97 -24.19
CA GLY B 16 -2.66 -21.49 -24.06
C GLY B 16 -2.92 -22.21 -22.75
N ALA B 17 -1.86 -22.52 -21.99
CA ALA B 17 -1.95 -23.21 -20.71
C ALA B 17 -2.17 -22.24 -19.55
N SER B 18 -2.54 -22.77 -18.37
CA SER B 18 -2.80 -21.97 -17.17
C SER B 18 -1.76 -22.21 -16.08
N VAL B 19 -1.63 -21.24 -15.15
CA VAL B 19 -0.68 -21.33 -14.03
C VAL B 19 -1.24 -20.68 -12.76
N ARG B 20 -0.79 -21.17 -11.57
CA ARG B 20 -1.19 -20.64 -10.28
CA ARG B 20 -1.18 -20.62 -10.28
C ARG B 20 0.06 -20.36 -9.44
N LEU B 21 0.25 -19.09 -9.04
CA LEU B 21 1.40 -18.67 -8.25
C LEU B 21 0.99 -18.51 -6.79
N SER B 22 1.89 -18.82 -5.86
CA SER B 22 1.61 -18.67 -4.43
C SER B 22 2.45 -17.56 -3.80
N CYS B 23 1.96 -17.03 -2.67
CA CYS B 23 2.62 -16.00 -1.88
C CYS B 23 2.41 -16.35 -0.42
N THR B 24 3.43 -16.93 0.22
CA THR B 24 3.37 -17.37 1.62
C THR B 24 3.93 -16.31 2.54
N ALA B 25 3.17 -15.96 3.58
CA ALA B 25 3.57 -14.98 4.58
C ALA B 25 4.09 -15.66 5.84
N SER B 26 5.07 -15.03 6.49
CA SER B 26 5.67 -15.48 7.75
C SER B 26 5.98 -14.25 8.60
N GLY B 27 5.73 -14.34 9.91
CA GLY B 27 5.93 -13.24 10.84
C GLY B 27 4.70 -12.39 11.05
N PHE B 28 3.76 -12.42 10.08
CA PHE B 28 2.48 -11.72 10.08
C PHE B 28 1.37 -12.57 9.45
N ASN B 29 0.10 -12.22 9.72
CA ASN B 29 -1.06 -12.93 9.17
C ASN B 29 -1.57 -12.21 7.91
N ILE B 30 -1.89 -12.97 6.84
CA ILE B 30 -2.42 -12.39 5.59
C ILE B 30 -3.78 -11.73 5.77
N LYS B 31 -4.61 -12.24 6.71
CA LYS B 31 -5.94 -11.72 7.02
C LYS B 31 -5.91 -10.31 7.66
N ASP B 32 -4.73 -9.84 8.10
CA ASP B 32 -4.52 -8.53 8.72
C ASP B 32 -4.86 -7.36 7.80
N THR B 33 -4.35 -7.37 6.55
CA THR B 33 -4.58 -6.32 5.56
C THR B 33 -4.87 -6.92 4.17
N TYR B 34 -4.93 -6.07 3.13
CA TYR B 34 -5.16 -6.53 1.77
C TYR B 34 -3.89 -7.12 1.17
N MET B 35 -4.06 -8.07 0.25
CA MET B 35 -2.98 -8.69 -0.49
C MET B 35 -3.23 -8.40 -1.98
N SER B 36 -2.27 -7.77 -2.66
CA SER B 36 -2.39 -7.45 -4.08
C SER B 36 -1.39 -8.24 -4.91
N TRP B 37 -1.68 -8.37 -6.21
CA TRP B 37 -0.78 -8.97 -7.18
C TRP B 37 -0.42 -7.89 -8.20
N VAL B 38 0.86 -7.80 -8.56
CA VAL B 38 1.40 -6.78 -9.46
C VAL B 38 2.19 -7.44 -10.59
N LYS B 39 1.90 -7.05 -11.84
CA LYS B 39 2.56 -7.54 -13.04
C LYS B 39 3.61 -6.52 -13.50
N GLN B 40 4.79 -7.01 -13.89
CA GLN B 40 5.86 -6.18 -14.43
C GLN B 40 6.60 -6.90 -15.56
N ARG B 41 6.30 -6.47 -16.81
CA ARG B 41 6.94 -6.99 -18.02
C ARG B 41 8.40 -6.50 -18.06
N PRO B 42 9.35 -7.22 -18.72
CA PRO B 42 10.75 -6.75 -18.73
C PRO B 42 10.93 -5.30 -19.16
N GLU B 43 11.61 -4.50 -18.30
CA GLU B 43 11.94 -3.06 -18.49
C GLU B 43 10.71 -2.13 -18.54
N GLN B 44 9.52 -2.65 -18.18
CA GLN B 44 8.27 -1.90 -18.19
CA GLN B 44 8.26 -1.90 -18.19
C GLN B 44 7.80 -1.54 -16.78
N GLY B 45 6.72 -0.76 -16.68
CA GLY B 45 6.16 -0.31 -15.41
C GLY B 45 5.37 -1.34 -14.64
N LEU B 46 5.04 -1.01 -13.38
CA LEU B 46 4.24 -1.88 -12.50
C LEU B 46 2.78 -1.79 -12.89
N GLU B 47 2.09 -2.93 -12.93
CA GLU B 47 0.68 -3.02 -13.28
C GLU B 47 -0.07 -3.73 -12.17
N TRP B 48 -0.95 -3.01 -11.47
CA TRP B 48 -1.75 -3.59 -10.40
C TRP B 48 -2.84 -4.46 -11.00
N ILE B 49 -2.81 -5.75 -10.68
CA ILE B 49 -3.76 -6.74 -11.20
C ILE B 49 -5.09 -6.64 -10.44
N GLY B 50 -4.99 -6.76 -9.12
CA GLY B 50 -6.13 -6.72 -8.23
C GLY B 50 -5.74 -6.93 -6.78
N ARG B 51 -6.73 -6.94 -5.90
CA ARG B 51 -6.49 -7.14 -4.47
C ARG B 51 -7.50 -8.07 -3.81
N ILE B 52 -7.07 -8.77 -2.76
CA ILE B 52 -7.91 -9.65 -1.97
C ILE B 52 -7.89 -9.23 -0.51
N ASP B 53 -9.04 -9.34 0.15
CA ASP B 53 -9.16 -9.17 1.59
C ASP B 53 -9.20 -10.65 2.03
N PRO B 54 -8.06 -11.24 2.47
CA PRO B 54 -8.05 -12.68 2.81
C PRO B 54 -9.00 -13.10 3.93
N ALA B 55 -9.44 -12.14 4.78
CA ALA B 55 -10.36 -12.38 5.88
C ALA B 55 -11.74 -12.83 5.39
N ASN B 56 -12.31 -12.16 4.36
CA ASN B 56 -13.63 -12.52 3.81
C ASN B 56 -13.62 -13.02 2.35
N GLY B 57 -12.44 -12.97 1.72
CA GLY B 57 -12.26 -13.42 0.34
C GLY B 57 -12.74 -12.47 -0.74
N ASP B 58 -13.04 -11.19 -0.38
CA ASP B 58 -13.49 -10.18 -1.34
C ASP B 58 -12.35 -9.82 -2.31
N THR B 59 -12.66 -9.85 -3.61
CA THR B 59 -11.69 -9.56 -4.68
C THR B 59 -12.13 -8.42 -5.58
N LYS B 60 -11.18 -7.60 -6.00
CA LYS B 60 -11.38 -6.47 -6.92
C LYS B 60 -10.22 -6.48 -7.90
N TYR B 61 -10.52 -6.29 -9.19
CA TYR B 61 -9.51 -6.34 -10.25
C TYR B 61 -9.51 -5.08 -11.09
N ASP B 62 -8.37 -4.82 -11.75
CA ASP B 62 -8.25 -3.75 -12.73
C ASP B 62 -8.96 -4.35 -13.96
N PRO B 63 -9.79 -3.58 -14.71
CA PRO B 63 -10.50 -4.16 -15.86
C PRO B 63 -9.64 -4.92 -16.88
N LYS B 64 -8.37 -4.53 -17.02
CA LYS B 64 -7.38 -5.13 -17.92
C LYS B 64 -7.11 -6.63 -17.65
N PHE B 65 -7.27 -7.05 -16.38
CA PHE B 65 -7.00 -8.44 -15.97
C PHE B 65 -8.23 -9.35 -15.84
N GLN B 66 -9.43 -8.82 -16.16
CA GLN B 66 -10.68 -9.59 -16.16
C GLN B 66 -10.61 -10.63 -17.28
N GLY B 67 -10.89 -11.89 -16.94
CA GLY B 67 -10.82 -13.02 -17.86
C GLY B 67 -9.40 -13.54 -18.06
N LYS B 68 -8.47 -13.07 -17.20
CA LYS B 68 -7.06 -13.46 -17.20
C LYS B 68 -6.64 -13.89 -15.81
N ALA B 69 -6.84 -13.03 -14.81
CA ALA B 69 -6.43 -13.27 -13.44
C ALA B 69 -7.55 -13.59 -12.46
N THR B 70 -7.25 -14.50 -11.52
CA THR B 70 -8.13 -14.93 -10.44
C THR B 70 -7.27 -14.96 -9.17
N ILE B 71 -7.58 -14.08 -8.23
CA ILE B 71 -6.85 -13.98 -6.96
C ILE B 71 -7.62 -14.70 -5.87
N THR B 72 -6.94 -15.58 -5.13
CA THR B 72 -7.51 -16.35 -4.02
C THR B 72 -6.56 -16.29 -2.82
N ALA B 73 -7.00 -16.84 -1.68
CA ALA B 73 -6.22 -16.88 -0.44
C ALA B 73 -6.65 -18.03 0.44
N ASP B 74 -5.67 -18.62 1.16
CA ASP B 74 -5.88 -19.69 2.12
C ASP B 74 -5.28 -19.22 3.43
N THR B 75 -6.15 -18.78 4.36
CA THR B 75 -5.74 -18.23 5.66
C THR B 75 -5.05 -19.21 6.60
N SER B 76 -5.40 -20.52 6.50
CA SER B 76 -4.81 -21.59 7.31
C SER B 76 -3.32 -21.76 7.02
N SER B 77 -2.94 -21.70 5.74
CA SER B 77 -1.55 -21.82 5.30
C SER B 77 -0.88 -20.45 5.16
N ASN B 78 -1.64 -19.36 5.47
CA ASN B 78 -1.20 -17.96 5.42
C ASN B 78 -0.68 -17.60 4.01
N THR B 79 -1.38 -18.08 2.98
CA THR B 79 -0.98 -17.95 1.58
C THR B 79 -2.04 -17.29 0.69
N ALA B 80 -1.58 -16.42 -0.22
CA ALA B 80 -2.38 -15.75 -1.24
C ALA B 80 -1.96 -16.34 -2.58
N TYR B 81 -2.89 -16.41 -3.55
CA TYR B 81 -2.61 -17.02 -4.85
C TYR B 81 -3.05 -16.16 -6.03
N LEU B 82 -2.41 -16.39 -7.19
CA LEU B 82 -2.75 -15.72 -8.46
C LEU B 82 -2.83 -16.78 -9.55
N HIS B 83 -4.04 -16.96 -10.09
CA HIS B 83 -4.28 -17.88 -11.20
C HIS B 83 -4.32 -17.07 -12.48
N LEU B 84 -3.57 -17.50 -13.49
CA LEU B 84 -3.52 -16.87 -14.80
C LEU B 84 -3.92 -17.90 -15.86
N SER B 85 -4.99 -17.61 -16.63
CA SER B 85 -5.51 -18.53 -17.64
C SER B 85 -5.09 -18.18 -19.07
N SER B 86 -4.98 -19.21 -19.94
CA SER B 86 -4.63 -19.17 -21.37
C SER B 86 -3.51 -18.15 -21.66
N LEU B 87 -2.31 -18.50 -21.22
CA LEU B 87 -1.13 -17.64 -21.34
C LEU B 87 -0.60 -17.43 -22.75
N THR B 88 -0.18 -16.20 -23.03
CA THR B 88 0.43 -15.76 -24.30
C THR B 88 1.69 -14.99 -23.90
N SER B 89 2.56 -14.64 -24.89
CA SER B 89 3.81 -13.89 -24.65
C SER B 89 3.58 -12.57 -23.90
N GLY B 90 2.38 -12.00 -24.02
CA GLY B 90 1.97 -10.78 -23.33
C GLY B 90 1.89 -10.96 -21.82
N ASP B 91 1.78 -12.22 -21.36
CA ASP B 91 1.72 -12.57 -19.94
C ASP B 91 3.11 -12.87 -19.36
N THR B 92 4.16 -12.87 -20.21
CA THR B 92 5.54 -13.07 -19.79
C THR B 92 5.95 -11.82 -19.00
N ALA B 93 6.17 -12.00 -17.69
CA ALA B 93 6.49 -10.94 -16.75
C ALA B 93 6.90 -11.49 -15.39
N VAL B 94 7.32 -10.59 -14.49
CA VAL B 94 7.60 -10.91 -13.10
C VAL B 94 6.32 -10.51 -12.36
N TYR B 95 5.73 -11.46 -11.62
CA TYR B 95 4.52 -11.22 -10.87
C TYR B 95 4.86 -11.12 -9.39
N TYR B 96 4.48 -10.02 -8.77
CA TYR B 96 4.75 -9.74 -7.36
C TYR B 96 3.49 -9.80 -6.55
N CYS B 97 3.59 -10.30 -5.32
CA CYS B 97 2.51 -10.24 -4.35
C CYS B 97 2.90 -9.11 -3.39
N SER B 98 1.93 -8.33 -2.90
CA SER B 98 2.22 -7.18 -2.04
C SER B 98 1.15 -6.94 -1.00
N ARG B 99 1.60 -6.68 0.23
CA ARG B 99 0.78 -6.46 1.42
C ARG B 99 0.58 -4.97 1.70
N GLY B 100 -0.62 -4.60 2.17
CA GLY B 100 -0.93 -3.24 2.59
C GLY B 100 -1.96 -2.47 1.81
N TRP B 101 -2.39 -1.33 2.40
CA TRP B 101 -3.34 -0.41 1.79
C TRP B 101 -2.68 0.95 1.60
N GLU B 102 -2.14 1.56 2.68
CA GLU B 102 -1.45 2.84 2.62
C GLU B 102 -0.02 2.59 2.14
N GLY B 103 0.08 2.20 0.87
CA GLY B 103 1.34 1.84 0.24
C GLY B 103 1.71 0.39 0.52
N PHE B 104 2.40 -0.25 -0.43
CA PHE B 104 2.84 -1.63 -0.27
C PHE B 104 4.25 -1.65 0.36
N ALA B 105 4.30 -1.81 1.69
CA ALA B 105 5.55 -1.85 2.45
C ALA B 105 6.29 -3.18 2.25
N TYR B 106 5.54 -4.31 2.26
CA TYR B 106 6.11 -5.64 2.07
C TYR B 106 5.76 -6.18 0.70
N TRP B 107 6.77 -6.68 -0.01
CA TRP B 107 6.66 -7.26 -1.34
C TRP B 107 7.32 -8.63 -1.33
N GLY B 108 6.80 -9.53 -2.16
CA GLY B 108 7.41 -10.84 -2.38
C GLY B 108 8.62 -10.65 -3.26
N GLN B 109 9.47 -11.69 -3.43
CA GLN B 109 10.67 -11.60 -4.26
C GLN B 109 10.36 -11.56 -5.76
N GLY B 110 9.12 -11.86 -6.13
CA GLY B 110 8.67 -11.92 -7.52
C GLY B 110 8.74 -13.32 -8.08
N THR B 111 7.86 -13.63 -9.03
CA THR B 111 7.81 -14.92 -9.72
C THR B 111 7.86 -14.67 -11.21
N LEU B 112 8.88 -15.23 -11.87
CA LEU B 112 9.00 -15.10 -13.32
C LEU B 112 8.12 -16.13 -14.00
N VAL B 113 7.22 -15.65 -14.86
CA VAL B 113 6.35 -16.50 -15.66
C VAL B 113 6.82 -16.30 -17.10
N THR B 114 7.36 -17.36 -17.71
CA THR B 114 7.85 -17.30 -19.09
C THR B 114 6.96 -18.16 -19.98
N VAL B 115 6.36 -17.53 -20.99
CA VAL B 115 5.50 -18.22 -21.95
C VAL B 115 6.32 -18.56 -23.20
N SER B 116 6.49 -19.85 -23.49
CA SER B 116 7.27 -20.33 -24.64
C SER B 116 6.71 -21.62 -25.22
N ALA B 117 6.76 -21.75 -26.56
CA ALA B 117 6.29 -22.91 -27.30
C ALA B 117 7.39 -23.96 -27.44
N SER B 132 -13.83 6.19 -19.31
CA SER B 132 -14.31 6.19 -17.93
C SER B 132 -13.33 5.54 -16.94
N GLU B 133 -12.17 5.08 -17.44
CA GLU B 133 -11.13 4.45 -16.63
C GLU B 133 -10.18 5.50 -16.04
N LEU B 134 -9.66 5.22 -14.83
CA LEU B 134 -8.74 6.09 -14.09
C LEU B 134 -7.35 6.10 -14.78
N VAL B 135 -6.82 7.32 -15.03
CA VAL B 135 -5.52 7.55 -15.66
C VAL B 135 -4.56 8.20 -14.66
N MET B 136 -3.38 7.57 -14.46
CA MET B 136 -2.30 8.08 -13.59
C MET B 136 -1.14 8.52 -14.49
N THR B 137 -0.97 9.84 -14.66
CA THR B 137 0.08 10.42 -15.52
C THR B 137 1.31 10.81 -14.71
N GLN B 138 2.40 10.04 -14.85
CA GLN B 138 3.67 10.30 -14.17
C GLN B 138 4.65 10.99 -15.13
N THR B 139 5.18 12.16 -14.72
CA THR B 139 6.13 12.95 -15.51
C THR B 139 7.33 13.40 -14.67
N PRO B 140 8.58 13.38 -15.22
CA PRO B 140 8.96 12.92 -16.56
C PRO B 140 9.16 11.41 -16.63
N ALA B 141 9.19 10.83 -17.85
CA ALA B 141 9.41 9.39 -18.03
C ALA B 141 10.86 9.03 -17.65
N SER B 142 11.78 9.99 -17.85
CA SER B 142 13.21 9.88 -17.54
C SER B 142 13.71 11.21 -16.98
N LEU B 143 14.60 11.16 -15.98
CA LEU B 143 15.18 12.34 -15.35
C LEU B 143 16.68 12.18 -15.11
N ALA B 144 17.49 12.99 -15.82
CA ALA B 144 18.94 13.01 -15.69
C ALA B 144 19.31 14.08 -14.67
N VAL B 145 20.04 13.68 -13.61
CA VAL B 145 20.41 14.57 -12.51
C VAL B 145 21.86 14.33 -12.00
N SER B 146 22.57 15.42 -11.66
CA SER B 146 23.93 15.35 -11.12
C SER B 146 23.89 14.94 -9.64
N LEU B 147 24.99 14.35 -9.13
CA LEU B 147 25.12 13.92 -7.72
C LEU B 147 24.96 15.11 -6.76
N GLY B 148 23.96 15.04 -5.90
CA GLY B 148 23.66 16.07 -4.91
C GLY B 148 22.58 17.06 -5.31
N GLN B 149 22.02 16.92 -6.53
CA GLN B 149 20.97 17.80 -7.05
C GLN B 149 19.59 17.48 -6.46
N ARG B 150 18.65 18.43 -6.59
CA ARG B 150 17.27 18.29 -6.18
C ARG B 150 16.50 17.69 -7.36
N ALA B 151 15.71 16.63 -7.11
CA ALA B 151 14.93 15.97 -8.15
C ALA B 151 13.45 15.94 -7.79
N THR B 152 12.60 16.42 -8.71
CA THR B 152 11.14 16.45 -8.51
C THR B 152 10.43 15.61 -9.55
N ILE B 153 9.59 14.66 -9.08
CA ILE B 153 8.82 13.75 -9.92
C ILE B 153 7.33 14.01 -9.69
N SER B 154 6.59 14.31 -10.76
CA SER B 154 5.16 14.63 -10.67
C SER B 154 4.24 13.46 -11.06
N CYS B 155 3.05 13.42 -10.44
CA CYS B 155 2.02 12.41 -10.69
C CYS B 155 0.65 13.10 -10.72
N ARG B 156 -0.03 13.04 -11.87
CA ARG B 156 -1.36 13.63 -12.05
C ARG B 156 -2.40 12.54 -12.27
N ALA B 157 -3.37 12.42 -11.36
CA ALA B 157 -4.46 11.46 -11.44
C ALA B 157 -5.67 12.09 -12.14
N SER B 158 -6.40 11.29 -12.94
CA SER B 158 -7.59 11.76 -13.66
C SER B 158 -8.80 11.91 -12.74
N GLU B 159 -8.80 11.17 -11.62
CA GLU B 159 -9.84 11.16 -10.59
C GLU B 159 -9.22 11.48 -9.23
N ASN B 160 -10.06 11.79 -8.23
CA ASN B 160 -9.62 12.06 -6.86
C ASN B 160 -9.00 10.81 -6.25
N VAL B 161 -8.00 10.99 -5.40
CA VAL B 161 -7.33 9.88 -4.72
C VAL B 161 -7.64 9.94 -3.22
N ASP B 162 -8.72 10.65 -2.88
CA ASP B 162 -9.15 10.86 -1.52
C ASP B 162 -10.05 9.79 -0.93
N ARG B 163 -9.85 9.54 0.37
CA ARG B 163 -10.60 8.62 1.20
C ARG B 163 -10.45 9.12 2.64
N TYR B 164 -11.59 9.42 3.30
CA TYR B 164 -11.69 9.96 4.67
C TYR B 164 -10.98 11.32 4.82
N GLY B 165 -10.95 12.08 3.73
CA GLY B 165 -10.31 13.40 3.66
C GLY B 165 -8.80 13.33 3.52
N ASN B 166 -8.27 12.13 3.21
CA ASN B 166 -6.84 11.88 3.05
C ASN B 166 -6.53 11.42 1.63
N SER B 167 -5.43 11.92 1.06
CA SER B 167 -4.98 11.55 -0.28
C SER B 167 -4.17 10.26 -0.23
N PHE B 168 -4.73 9.18 -0.79
CA PHE B 168 -4.09 7.86 -0.82
C PHE B 168 -3.10 7.76 -1.99
N MET B 169 -2.08 8.62 -1.98
CA MET B 169 -1.02 8.69 -2.98
C MET B 169 0.27 8.17 -2.37
N HIS B 170 0.88 7.15 -3.02
CA HIS B 170 2.10 6.52 -2.52
C HIS B 170 3.21 6.55 -3.55
N TRP B 171 4.48 6.52 -3.08
CA TRP B 171 5.66 6.55 -3.93
C TRP B 171 6.60 5.38 -3.65
N TYR B 172 7.16 4.79 -4.72
CA TYR B 172 8.06 3.64 -4.65
C TYR B 172 9.36 3.84 -5.39
N GLN B 173 10.43 3.21 -4.88
CA GLN B 173 11.75 3.17 -5.51
C GLN B 173 11.96 1.74 -5.97
N GLN B 174 12.36 1.54 -7.23
CA GLN B 174 12.65 0.21 -7.73
C GLN B 174 13.99 0.13 -8.45
N LYS B 175 14.91 -0.67 -7.88
CA LYS B 175 16.22 -0.95 -8.46
C LYS B 175 16.15 -2.25 -9.24
N ALA B 176 17.03 -2.42 -10.24
CA ALA B 176 17.10 -3.58 -11.12
C ALA B 176 17.25 -4.91 -10.38
N GLY B 177 16.43 -5.88 -10.77
CA GLY B 177 16.40 -7.22 -10.19
C GLY B 177 15.92 -7.28 -8.77
N GLN B 178 15.17 -6.25 -8.34
CA GLN B 178 14.65 -6.13 -6.98
C GLN B 178 13.18 -5.72 -6.96
N PRO B 179 12.38 -6.18 -5.95
CA PRO B 179 11.00 -5.70 -5.87
C PRO B 179 10.96 -4.22 -5.46
N PRO B 180 9.86 -3.47 -5.74
CA PRO B 180 9.80 -2.06 -5.33
C PRO B 180 9.90 -1.85 -3.83
N LYS B 181 10.31 -0.64 -3.43
CA LYS B 181 10.50 -0.24 -2.04
C LYS B 181 9.63 0.98 -1.77
N LEU B 182 8.73 0.90 -0.76
CA LEU B 182 7.84 2.00 -0.39
C LEU B 182 8.64 3.14 0.25
N LEU B 183 8.46 4.36 -0.27
CA LEU B 183 9.15 5.56 0.21
C LEU B 183 8.18 6.47 0.97
N ILE B 184 7.09 6.87 0.29
CA ILE B 184 6.08 7.79 0.80
C ILE B 184 4.69 7.15 0.72
N TYR B 185 3.86 7.38 1.74
CA TYR B 185 2.47 6.92 1.81
C TYR B 185 1.61 8.11 2.25
N ARG B 186 0.30 8.10 1.89
CA ARG B 186 -0.66 9.16 2.23
C ARG B 186 -0.14 10.54 1.77
N ALA B 187 0.37 10.60 0.53
CA ALA B 187 0.92 11.77 -0.18
C ALA B 187 2.19 12.41 0.38
N SER B 188 2.32 12.54 1.71
CA SER B 188 3.45 13.24 2.33
C SER B 188 4.14 12.54 3.52
N ASN B 189 3.70 11.33 3.89
CA ASN B 189 4.28 10.65 5.04
C ASN B 189 5.45 9.76 4.69
N LEU B 190 6.59 9.99 5.34
CA LEU B 190 7.83 9.25 5.14
C LEU B 190 7.72 7.87 5.78
N GLU B 191 7.96 6.82 4.98
CA GLU B 191 7.94 5.42 5.44
C GLU B 191 9.11 5.20 6.39
N SER B 192 8.89 4.42 7.47
CA SER B 192 9.92 4.13 8.47
C SER B 192 11.14 3.45 7.84
N GLY B 193 12.32 3.93 8.18
CA GLY B 193 13.58 3.41 7.65
C GLY B 193 14.08 4.12 6.40
N ILE B 194 13.21 4.90 5.74
CA ILE B 194 13.54 5.65 4.53
C ILE B 194 14.21 6.99 4.91
N PRO B 195 15.38 7.34 4.30
CA PRO B 195 16.04 8.61 4.67
C PRO B 195 15.21 9.87 4.40
N ALA B 196 15.44 10.90 5.22
CA ALA B 196 14.77 12.21 5.19
C ALA B 196 14.88 12.96 3.86
N ARG B 197 15.84 12.58 2.98
CA ARG B 197 16.03 13.20 1.66
C ARG B 197 14.84 13.01 0.72
N PHE B 198 14.00 11.99 1.00
CA PHE B 198 12.78 11.68 0.26
C PHE B 198 11.60 12.39 0.92
N SER B 199 10.81 13.11 0.12
CA SER B 199 9.63 13.84 0.61
C SER B 199 8.52 13.89 -0.43
N GLY B 200 7.29 13.95 0.04
CA GLY B 200 6.10 14.03 -0.81
C GLY B 200 5.23 15.21 -0.47
N SER B 201 4.46 15.68 -1.45
CA SER B 201 3.53 16.81 -1.32
C SER B 201 2.44 16.71 -2.39
N GLY B 202 1.34 17.42 -2.17
CA GLY B 202 0.22 17.47 -3.09
C GLY B 202 -1.12 17.18 -2.46
N SER B 203 -2.19 17.43 -3.23
CA SER B 203 -3.59 17.23 -2.83
C SER B 203 -4.46 17.07 -4.08
N ARG B 204 -5.70 16.56 -3.89
CA ARG B 204 -6.71 16.35 -4.93
C ARG B 204 -6.23 15.43 -6.08
N THR B 205 -5.66 16.00 -7.15
CA THR B 205 -5.19 15.24 -8.32
C THR B 205 -3.70 15.40 -8.64
N ASP B 206 -3.07 16.49 -8.17
CA ASP B 206 -1.65 16.78 -8.45
C ASP B 206 -0.74 16.48 -7.26
N PHE B 207 0.31 15.66 -7.49
CA PHE B 207 1.23 15.19 -6.45
C PHE B 207 2.68 15.18 -6.92
N THR B 208 3.62 15.38 -5.98
CA THR B 208 5.05 15.37 -6.27
C THR B 208 5.89 14.58 -5.27
N LEU B 209 6.99 13.98 -5.75
CA LEU B 209 8.01 13.30 -4.97
C LEU B 209 9.29 14.11 -5.14
N THR B 210 9.96 14.42 -4.02
CA THR B 210 11.21 15.17 -4.01
C THR B 210 12.33 14.34 -3.38
N ILE B 211 13.46 14.25 -4.08
CA ILE B 211 14.67 13.58 -3.64
C ILE B 211 15.73 14.69 -3.56
N ASN B 212 16.11 15.08 -2.33
CA ASN B 212 17.06 16.18 -2.12
C ASN B 212 17.93 16.00 -0.86
N PRO B 213 19.26 15.74 -1.00
CA PRO B 213 20.04 15.63 -2.26
C PRO B 213 20.05 14.22 -2.85
N VAL B 214 20.17 14.12 -4.19
CA VAL B 214 20.25 12.84 -4.89
C VAL B 214 21.63 12.21 -4.64
N GLU B 215 21.64 10.99 -4.08
CA GLU B 215 22.85 10.22 -3.80
C GLU B 215 23.01 9.16 -4.90
N ALA B 216 24.18 8.47 -4.96
CA ALA B 216 24.46 7.43 -5.95
C ALA B 216 23.50 6.24 -5.83
N ASP B 217 23.06 5.94 -4.60
CA ASP B 217 22.11 4.86 -4.28
C ASP B 217 20.69 5.17 -4.78
N ASP B 218 20.40 6.46 -5.09
CA ASP B 218 19.08 6.89 -5.57
C ASP B 218 18.80 6.57 -7.05
N VAL B 219 19.83 6.09 -7.81
CA VAL B 219 19.69 5.70 -9.21
C VAL B 219 18.76 4.49 -9.28
N ALA B 220 17.51 4.72 -9.74
CA ALA B 220 16.44 3.71 -9.82
C ALA B 220 15.24 4.24 -10.61
N THR B 221 14.17 3.44 -10.69
CA THR B 221 12.91 3.80 -11.32
C THR B 221 11.89 4.07 -10.23
N TYR B 222 11.23 5.23 -10.29
CA TYR B 222 10.26 5.67 -9.30
C TYR B 222 8.84 5.59 -9.80
N PHE B 223 7.91 5.16 -8.94
CA PHE B 223 6.49 5.00 -9.30
C PHE B 223 5.55 5.62 -8.28
N CYS B 224 4.51 6.32 -8.77
CA CYS B 224 3.44 6.84 -7.90
C CYS B 224 2.33 5.78 -7.93
N GLN B 225 1.43 5.79 -6.94
CA GLN B 225 0.31 4.85 -6.88
C GLN B 225 -0.83 5.38 -6.01
N ARG B 226 -2.08 5.17 -6.49
CA ARG B 226 -3.32 5.51 -5.77
C ARG B 226 -3.81 4.21 -5.10
N SER B 227 -4.55 4.30 -3.98
CA SER B 227 -5.12 3.13 -3.32
C SER B 227 -6.47 3.38 -2.61
N ASN B 228 -7.03 4.62 -2.73
CA ASN B 228 -8.31 5.01 -2.12
C ASN B 228 -9.48 4.16 -2.57
N GLU B 229 -9.54 3.86 -3.88
CA GLU B 229 -10.59 3.10 -4.53
C GLU B 229 -9.97 2.26 -5.62
N VAL B 230 -10.60 1.13 -5.93
CA VAL B 230 -10.14 0.25 -7.00
C VAL B 230 -10.46 0.88 -8.40
N PRO B 231 -9.53 0.85 -9.38
CA PRO B 231 -8.20 0.20 -9.36
C PRO B 231 -7.12 0.99 -8.64
N TRP B 232 -6.18 0.28 -7.99
CA TRP B 232 -5.06 0.89 -7.27
C TRP B 232 -3.90 1.09 -8.26
N THR B 233 -4.15 1.91 -9.29
CA THR B 233 -3.27 2.20 -10.42
C THR B 233 -1.95 2.85 -10.05
N PHE B 234 -0.87 2.35 -10.67
CA PHE B 234 0.48 2.89 -10.55
C PHE B 234 0.66 3.87 -11.70
N GLY B 235 1.54 4.85 -11.51
CA GLY B 235 1.94 5.77 -12.58
C GLY B 235 2.90 5.04 -13.50
N GLY B 236 3.11 5.59 -14.70
CA GLY B 236 3.99 5.01 -15.71
C GLY B 236 5.46 4.84 -15.35
N GLY B 237 5.88 5.46 -14.26
CA GLY B 237 7.26 5.38 -13.78
C GLY B 237 8.17 6.50 -14.28
N THR B 238 9.25 6.74 -13.52
CA THR B 238 10.30 7.74 -13.80
C THR B 238 11.66 7.12 -13.56
N LYS B 239 12.46 6.97 -14.63
CA LYS B 239 13.81 6.42 -14.53
C LYS B 239 14.78 7.54 -14.16
N LEU B 240 15.30 7.52 -12.92
CA LEU B 240 16.25 8.51 -12.43
C LEU B 240 17.67 8.05 -12.75
N GLU B 241 18.39 8.86 -13.54
CA GLU B 241 19.75 8.58 -13.99
C GLU B 241 20.69 9.75 -13.66
N ILE B 242 22.00 9.50 -13.69
CA ILE B 242 23.01 10.53 -13.45
C ILE B 242 23.36 11.23 -14.76
N LYS B 243 23.44 12.58 -14.73
CA LYS B 243 23.74 13.44 -15.87
C LYS B 243 25.08 13.05 -16.51
N ARG B 244 25.09 12.90 -17.85
CA ARG B 244 26.26 12.52 -18.64
C ARG B 244 26.61 13.60 -19.66
#